data_1GYO
#
_entry.id   1GYO
#
_cell.length_a   56.670
_cell.length_b   56.670
_cell.length_c   94.170
_cell.angle_alpha   90.00
_cell.angle_beta   90.00
_cell.angle_gamma   120.00
#
_symmetry.space_group_name_H-M   'P 31'
#
loop_
_entity.id
_entity.type
_entity.pdbx_description
1 polymer 'CYTOCHROME C3, A DIMERIC CLASS III C-TYPE CYTOCHROME'
2 non-polymer 'HEME C'
3 non-polymer GLYCEROL
4 water water
#
_entity_poly.entity_id   1
_entity_poly.type   'polypeptide(L)'
_entity_poly.pdbx_seq_one_letter_code
;LDVPCKVVITAPEGEDPHPRFGKVEMSHAKHRNVSCVSCHHMFDGCGDFQKCADCHIDRDDRSYERGFYKAWHSESEISC
RGCHKAMKAKNEQTGPIGCLQGCHEAAQK
;
_entity_poly.pdbx_strand_id   A,B
#
# COMPACT_ATOMS: atom_id res chain seq x y z
N LEU A 1 7.95 0.19 8.05
CA LEU A 1 6.50 0.52 8.06
C LEU A 1 5.71 -0.62 8.69
N ASP A 2 4.80 -0.31 9.59
CA ASP A 2 3.84 -1.24 10.13
C ASP A 2 2.46 -0.72 9.82
N VAL A 3 1.70 -1.39 8.98
CA VAL A 3 0.31 -1.02 8.67
C VAL A 3 -0.54 -1.69 9.73
N PRO A 4 -1.13 -0.98 10.66
CA PRO A 4 -1.86 -1.66 11.74
C PRO A 4 -2.99 -2.46 11.18
N CYS A 5 -3.17 -3.69 11.65
CA CYS A 5 -4.31 -4.47 11.19
C CYS A 5 -5.61 -3.91 11.70
N LYS A 6 -5.63 -3.29 12.88
CA LYS A 6 -6.83 -2.58 13.33
C LYS A 6 -6.38 -1.22 13.87
N VAL A 7 -7.12 -0.19 13.52
CA VAL A 7 -6.89 1.17 13.94
C VAL A 7 -8.13 1.63 14.73
N VAL A 8 -7.90 2.46 15.72
CA VAL A 8 -9.03 3.12 16.40
C VAL A 8 -8.96 4.59 16.03
N ILE A 9 -10.01 5.04 15.40
CA ILE A 9 -10.15 6.34 14.85
C ILE A 9 -10.96 7.18 15.88
N THR A 10 -10.44 8.34 16.21
CA THR A 10 -11.19 9.20 17.15
C THR A 10 -11.03 10.67 16.76
N ALA A 11 -11.37 11.56 17.65
CA ALA A 11 -11.28 12.98 17.40
C ALA A 11 -9.84 13.35 17.13
N PRO A 12 -9.61 14.52 16.49
CA PRO A 12 -8.23 14.97 16.23
C PRO A 12 -7.43 15.05 17.53
N GLU A 13 -6.14 14.78 17.39
CA GLU A 13 -5.21 14.73 18.51
C GLU A 13 -5.37 15.93 19.43
N GLY A 14 -5.54 15.71 20.73
CA GLY A 14 -5.61 16.81 21.65
C GLY A 14 -7.02 17.30 21.88
N GLU A 15 -7.98 16.85 21.06
CA GLU A 15 -9.36 17.32 21.19
C GLU A 15 -10.21 16.26 21.88
N ASP A 16 -11.31 16.74 22.45
CA ASP A 16 -12.20 15.83 23.12
C ASP A 16 -13.06 15.00 22.19
N PRO A 17 -13.23 13.70 22.42
CA PRO A 17 -14.08 12.85 21.57
C PRO A 17 -15.54 13.24 21.68
N HIS A 18 -16.27 12.98 20.62
CA HIS A 18 -17.71 13.14 20.68
C HIS A 18 -18.28 12.31 21.80
N PRO A 19 -19.21 12.83 22.58
CA PRO A 19 -19.61 12.07 23.76
C PRO A 19 -20.38 10.80 23.45
N ARG A 20 -20.93 10.62 22.22
CA ARG A 20 -21.67 9.42 21.90
C ARG A 20 -21.15 8.64 20.65
N PHE A 21 -20.47 9.31 19.74
CA PHE A 21 -19.98 8.78 18.49
C PHE A 21 -18.44 8.90 18.42
N GLY A 22 -17.75 8.67 19.54
CA GLY A 22 -16.39 9.16 19.67
C GLY A 22 -15.28 8.32 19.13
N LYS A 23 -15.50 7.03 18.93
CA LYS A 23 -14.44 6.12 18.49
C LYS A 23 -14.98 5.13 17.50
N VAL A 24 -14.22 4.83 16.46
CA VAL A 24 -14.60 3.83 15.46
C VAL A 24 -13.38 2.97 15.12
N GLU A 25 -13.54 1.68 15.09
CA GLU A 25 -12.47 0.79 14.70
C GLU A 25 -12.55 0.55 13.21
N MET A 26 -11.40 0.43 12.58
CA MET A 26 -11.35 0.02 11.20
C MET A 26 -10.26 -1.01 11.01
N SER A 27 -10.60 -2.04 10.25
CA SER A 27 -9.65 -3.12 9.99
C SER A 27 -9.01 -2.95 8.64
N HIS A 28 -7.68 -2.79 8.61
CA HIS A 28 -6.98 -2.86 7.31
C HIS A 28 -7.11 -4.25 6.71
N ALA A 29 -7.14 -5.30 7.55
CA ALA A 29 -7.27 -6.66 7.04
C ALA A 29 -8.55 -6.84 6.24
N LYS A 30 -9.66 -6.35 6.80
CA LYS A 30 -10.94 -6.51 6.13
C LYS A 30 -11.03 -5.71 4.84
N HIS A 31 -10.25 -4.61 4.79
CA HIS A 31 -10.17 -3.77 3.60
C HIS A 31 -9.02 -4.11 2.68
N ARG A 32 -8.49 -5.34 2.75
CA ARG A 32 -7.32 -5.69 1.95
C ARG A 32 -7.54 -5.67 0.45
N ASN A 33 -8.77 -5.73 -0.02
CA ASN A 33 -9.04 -5.66 -1.47
C ASN A 33 -9.35 -4.24 -1.93
N VAL A 34 -9.19 -3.26 -1.07
CA VAL A 34 -9.44 -1.86 -1.39
C VAL A 34 -8.05 -1.20 -1.51
N SER A 35 -7.76 -0.54 -2.62
CA SER A 35 -6.45 0.07 -2.78
C SER A 35 -6.19 1.12 -1.71
N CYS A 36 -4.91 1.26 -1.35
CA CYS A 36 -4.54 2.22 -0.30
C CYS A 36 -5.05 3.61 -0.62
N VAL A 37 -4.88 4.04 -1.87
CA VAL A 37 -5.23 5.42 -2.26
C VAL A 37 -6.71 5.66 -2.25
N SER A 38 -7.54 4.60 -2.26
CA SER A 38 -8.96 4.79 -2.20
C SER A 38 -9.39 5.51 -0.91
N CYS A 39 -8.65 5.31 0.16
CA CYS A 39 -8.84 5.99 1.44
C CYS A 39 -7.79 7.07 1.64
N HIS A 40 -6.51 6.69 1.54
CA HIS A 40 -5.41 7.62 1.68
C HIS A 40 -5.21 8.39 0.38
N HIS A 41 -6.18 9.22 0.05
CA HIS A 41 -6.30 9.80 -1.27
C HIS A 41 -5.16 10.80 -1.59
N MET A 42 -4.43 11.23 -0.58
CA MET A 42 -3.30 12.13 -0.77
C MET A 42 -2.00 11.37 -0.95
N PHE A 43 -1.98 10.05 -0.80
CA PHE A 43 -0.73 9.31 -1.00
C PHE A 43 -0.44 9.14 -2.48
N ASP A 44 0.80 9.44 -2.89
CA ASP A 44 1.14 9.26 -4.29
C ASP A 44 2.52 8.66 -4.35
N GLY A 45 2.63 7.35 -4.47
CA GLY A 45 3.87 6.70 -4.75
C GLY A 45 4.74 6.42 -3.54
N CYS A 46 5.09 7.50 -2.84
CA CYS A 46 6.00 7.32 -1.74
C CYS A 46 5.69 8.47 -0.76
N GLY A 47 6.23 8.38 0.44
CA GLY A 47 5.92 9.36 1.45
C GLY A 47 5.22 8.71 2.62
N ASP A 48 4.42 9.48 3.28
CA ASP A 48 3.78 9.14 4.53
C ASP A 48 2.28 8.93 4.37
N PHE A 49 1.78 7.96 5.11
CA PHE A 49 0.37 7.72 5.31
C PHE A 49 -0.09 8.48 6.57
N GLN A 50 -0.50 9.67 6.38
CA GLN A 50 -0.88 10.55 7.48
C GLN A 50 -2.22 10.19 8.04
N LYS A 51 -2.37 10.43 9.34
CA LYS A 51 -3.71 10.37 9.91
C LYS A 51 -4.60 11.43 9.26
N CYS A 52 -5.84 11.02 9.02
CA CYS A 52 -6.74 11.87 8.27
C CYS A 52 -6.89 13.23 8.94
N ALA A 53 -7.02 13.26 10.26
CA ALA A 53 -7.21 14.47 10.99
C ALA A 53 -5.97 15.33 11.08
N ASP A 54 -4.84 14.93 10.47
CA ASP A 54 -3.76 15.88 10.28
C ASP A 54 -4.26 17.04 9.43
N CYS A 55 -5.23 16.75 8.56
CA CYS A 55 -5.81 17.71 7.64
C CYS A 55 -7.28 17.96 7.88
N HIS A 56 -8.01 16.89 8.13
CA HIS A 56 -9.47 16.94 8.41
C HIS A 56 -9.70 17.24 9.87
N ILE A 57 -9.48 18.50 10.23
CA ILE A 57 -9.45 18.92 11.60
C ILE A 57 -10.71 19.67 12.06
N ASP A 58 -11.32 20.44 11.18
CA ASP A 58 -12.39 21.33 11.60
C ASP A 58 -13.62 20.54 12.05
N ARG A 59 -14.17 20.87 13.18
CA ARG A 59 -15.39 20.27 13.71
C ARG A 59 -16.45 21.32 13.93
N ASP A 60 -16.30 22.50 13.36
CA ASP A 60 -17.30 23.55 13.57
C ASP A 60 -18.62 23.25 12.86
N ASP A 61 -18.59 22.49 11.79
CA ASP A 61 -19.78 22.06 11.04
C ASP A 61 -19.55 20.66 10.56
N ARG A 62 -20.55 20.12 9.85
CA ARG A 62 -20.45 18.79 9.25
C ARG A 62 -20.52 18.90 7.74
N SER A 63 -20.17 20.06 7.17
CA SER A 63 -20.35 20.37 5.77
C SER A 63 -19.01 20.60 5.04
N TYR A 64 -18.05 21.20 5.71
CA TYR A 64 -16.79 21.57 5.03
C TYR A 64 -16.09 20.34 4.53
N GLU A 65 -15.80 20.30 3.22
CA GLU A 65 -15.19 19.08 2.61
C GLU A 65 -13.82 18.75 3.17
N ARG A 66 -13.13 19.74 3.69
CA ARG A 66 -11.79 19.52 4.27
C ARG A 66 -11.85 19.28 5.76
N GLY A 67 -13.06 19.21 6.33
CA GLY A 67 -13.23 19.06 7.76
C GLY A 67 -13.34 17.61 8.20
N PHE A 68 -13.51 17.44 9.49
CA PHE A 68 -13.47 16.11 10.11
C PHE A 68 -14.66 15.26 9.70
N TYR A 69 -15.88 15.76 9.85
CA TYR A 69 -17.05 14.91 9.59
C TYR A 69 -17.09 14.37 8.16
N LYS A 70 -16.77 15.22 7.19
CA LYS A 70 -16.84 14.81 5.80
C LYS A 70 -15.83 13.76 5.42
N ALA A 71 -14.71 13.61 6.19
CA ALA A 71 -13.74 12.54 5.87
C ALA A 71 -14.41 11.16 5.93
N TRP A 72 -15.38 11.02 6.85
CA TRP A 72 -15.96 9.72 7.16
C TRP A 72 -17.35 9.52 6.59
N HIS A 73 -18.04 10.65 6.32
CA HIS A 73 -19.46 10.68 5.95
CA HIS A 73 -19.46 10.47 5.99
C HIS A 73 -19.67 11.75 4.86
C HIS A 73 -19.86 11.08 4.67
N SER A 74 -19.60 11.30 3.64
N SER A 74 -19.08 11.70 3.83
CA SER A 74 -19.61 12.25 2.54
C SER A 74 -20.23 11.40 1.44
N GLU A 75 -20.84 12.01 0.45
CA GLU A 75 -21.18 11.30 -0.79
C GLU A 75 -19.93 10.77 -1.50
N SER A 76 -18.80 11.46 -1.25
CA SER A 76 -17.57 11.01 -1.82
C SER A 76 -17.25 9.56 -1.51
N GLU A 77 -16.83 8.81 -2.49
CA GLU A 77 -16.43 7.42 -2.29
C GLU A 77 -15.08 7.27 -1.61
N ILE A 78 -14.41 8.35 -1.25
CA ILE A 78 -13.25 8.28 -0.36
C ILE A 78 -13.68 8.07 1.08
N SER A 79 -14.92 8.50 1.43
CA SER A 79 -15.36 8.41 2.81
C SER A 79 -15.89 6.99 3.11
N CYS A 80 -15.84 6.65 4.39
CA CYS A 80 -16.32 5.37 4.88
C CYS A 80 -17.74 5.12 4.40
N ARG A 81 -18.64 6.06 4.71
CA ARG A 81 -20.06 5.80 4.40
C ARG A 81 -20.31 5.95 2.92
N GLY A 82 -19.61 6.87 2.27
CA GLY A 82 -19.83 7.09 0.85
C GLY A 82 -19.43 5.90 -0.01
N CYS A 83 -18.29 5.30 0.30
CA CYS A 83 -17.92 4.09 -0.46
C CYS A 83 -18.91 2.95 -0.18
N HIS A 84 -19.23 2.72 1.10
CA HIS A 84 -20.16 1.61 1.37
C HIS A 84 -21.50 1.85 0.66
N LYS A 85 -22.03 3.09 0.69
CA LYS A 85 -23.30 3.32 0.01
C LYS A 85 -23.17 3.10 -1.48
N ALA A 86 -22.09 3.54 -2.11
CA ALA A 86 -21.93 3.38 -3.54
C ALA A 86 -21.82 1.91 -3.92
N MET A 87 -21.10 1.14 -3.11
CA MET A 87 -20.96 -0.29 -3.39
C MET A 87 -22.28 -1.00 -3.21
N LYS A 88 -23.00 -0.67 -2.16
CA LYS A 88 -24.32 -1.27 -1.97
C LYS A 88 -25.25 -0.98 -3.13
N ALA A 89 -25.20 0.21 -3.69
CA ALA A 89 -26.03 0.58 -4.83
C ALA A 89 -25.70 -0.27 -6.05
N LYS A 90 -24.48 -0.77 -6.13
CA LYS A 90 -24.03 -1.68 -7.18
C LYS A 90 -24.16 -3.14 -6.79
N ASN A 91 -24.75 -3.46 -5.65
CA ASN A 91 -24.90 -4.86 -5.22
C ASN A 91 -23.55 -5.57 -5.07
N GLU A 92 -22.59 -4.82 -4.54
CA GLU A 92 -21.29 -5.35 -4.20
C GLU A 92 -21.15 -5.48 -2.70
N GLN A 93 -20.56 -6.58 -2.23
CA GLN A 93 -20.25 -6.79 -0.84
C GLN A 93 -19.46 -5.62 -0.24
N THR A 94 -19.90 -5.08 0.89
CA THR A 94 -19.29 -3.84 1.43
C THR A 94 -19.59 -3.72 2.90
N GLY A 95 -19.23 -2.57 3.44
CA GLY A 95 -19.38 -2.28 4.86
C GLY A 95 -20.70 -1.62 5.21
N PRO A 96 -20.85 -1.33 6.50
CA PRO A 96 -22.11 -0.81 7.03
C PRO A 96 -22.38 0.64 6.70
N ILE A 97 -23.68 0.92 6.73
CA ILE A 97 -24.20 2.24 6.36
C ILE A 97 -25.02 2.88 7.47
N GLY A 98 -25.82 2.12 8.20
CA GLY A 98 -26.65 2.78 9.21
C GLY A 98 -25.77 3.40 10.28
N CYS A 99 -26.26 4.48 10.89
CA CYS A 99 -25.46 5.28 11.80
C CYS A 99 -25.02 4.50 13.03
N LEU A 100 -25.79 3.51 13.48
CA LEU A 100 -25.42 2.70 14.64
C LEU A 100 -25.04 1.25 14.25
N GLN A 101 -24.80 0.99 12.95
CA GLN A 101 -24.36 -0.31 12.49
C GLN A 101 -22.86 -0.35 12.28
N GLY A 102 -22.19 -1.23 13.04
CA GLY A 102 -20.80 -1.51 12.76
C GLY A 102 -19.87 -0.43 13.29
N CYS A 103 -19.77 0.70 12.62
CA CYS A 103 -18.80 1.72 12.97
C CYS A 103 -19.01 2.26 14.38
N HIS A 104 -20.28 2.71 14.63
CA HIS A 104 -20.64 3.24 15.92
C HIS A 104 -21.41 2.22 16.73
N GLU A 105 -20.90 0.97 16.74
CA GLU A 105 -21.40 -0.13 17.50
C GLU A 105 -20.32 -0.91 18.24
N ALA A 106 -20.63 -1.63 19.30
CA ALA A 106 -19.81 -2.58 19.97
C ALA A 106 -19.45 -3.72 18.99
N LEU B 1 10.66 7.89 5.72
CA LEU B 1 9.28 7.98 5.24
C LEU B 1 8.62 6.62 5.41
N ASP B 2 7.30 6.59 5.49
CA ASP B 2 6.62 5.29 5.52
C ASP B 2 7.00 4.43 4.32
N VAL B 3 6.95 5.02 3.14
CA VAL B 3 7.35 4.36 1.88
C VAL B 3 8.47 5.19 1.30
N PRO B 4 9.71 4.69 1.32
CA PRO B 4 10.82 5.49 0.78
C PRO B 4 10.68 5.68 -0.69
N CYS B 5 11.01 6.84 -1.23
CA CYS B 5 10.81 7.07 -2.63
C CYS B 5 11.75 6.25 -3.51
N LYS B 6 13.01 6.10 -3.11
CA LYS B 6 13.95 5.23 -3.81
C LYS B 6 14.53 4.24 -2.80
N VAL B 7 14.77 3.04 -3.25
CA VAL B 7 15.46 2.04 -2.43
C VAL B 7 16.64 1.50 -3.24
N VAL B 8 17.65 1.07 -2.50
CA VAL B 8 18.82 0.41 -3.06
C VAL B 8 18.80 -1.03 -2.59
N ILE B 9 18.72 -1.92 -3.58
CA ILE B 9 18.60 -3.33 -3.35
C ILE B 9 20.01 -3.94 -3.51
N THR B 10 20.43 -4.71 -2.52
CA THR B 10 21.78 -5.28 -2.56
C THR B 10 21.67 -6.78 -2.31
N ALA B 11 22.81 -7.44 -2.43
CA ALA B 11 22.87 -8.80 -2.02
C ALA B 11 22.89 -8.86 -0.52
N PRO B 12 22.38 -9.90 0.09
CA PRO B 12 22.52 -10.03 1.56
C PRO B 12 24.00 -10.23 1.86
N GLU B 13 24.41 -9.89 3.04
CA GLU B 13 25.69 -10.21 3.61
C GLU B 13 26.08 -11.65 3.36
N GLY B 14 27.37 -11.82 3.19
CA GLY B 14 27.93 -13.13 2.92
C GLY B 14 28.91 -12.89 1.76
N GLU B 15 28.70 -13.67 0.73
CA GLU B 15 29.45 -13.75 -0.48
C GLU B 15 29.34 -12.44 -1.22
N ASP B 16 30.45 -11.72 -1.38
CA ASP B 16 30.33 -10.56 -2.27
C ASP B 16 29.73 -10.93 -3.62
N PRO B 17 28.91 -10.04 -4.20
CA PRO B 17 28.30 -10.23 -5.50
C PRO B 17 29.30 -10.01 -6.61
N HIS B 18 28.95 -10.39 -7.85
CA HIS B 18 29.73 -9.98 -8.97
C HIS B 18 29.72 -8.44 -8.92
N PRO B 19 30.89 -7.84 -9.13
CA PRO B 19 31.00 -6.40 -9.14
C PRO B 19 30.05 -5.69 -10.09
N ARG B 20 29.57 -6.35 -11.14
CA ARG B 20 28.67 -5.56 -11.98
C ARG B 20 27.20 -5.79 -11.71
N PHE B 21 26.90 -6.60 -10.72
CA PHE B 21 25.53 -7.00 -10.42
C PHE B 21 25.15 -6.80 -8.97
N GLY B 22 25.87 -5.95 -8.22
CA GLY B 22 25.66 -5.94 -6.78
C GLY B 22 24.67 -4.96 -6.21
N LYS B 23 24.18 -4.00 -6.98
CA LYS B 23 23.24 -3.00 -6.42
C LYS B 23 22.30 -2.55 -7.51
N VAL B 24 21.03 -2.46 -7.17
CA VAL B 24 20.00 -2.02 -8.09
C VAL B 24 19.12 -1.01 -7.39
N GLU B 25 18.89 0.12 -8.05
CA GLU B 25 17.95 1.14 -7.51
C GLU B 25 16.58 0.88 -8.05
N MET B 26 15.60 1.02 -7.17
CA MET B 26 14.22 0.94 -7.56
C MET B 26 13.48 2.15 -6.97
N SER B 27 12.63 2.77 -7.76
CA SER B 27 11.84 3.88 -7.29
C SER B 27 10.39 3.47 -7.00
N HIS B 28 9.97 3.71 -5.77
CA HIS B 28 8.55 3.49 -5.47
C HIS B 28 7.72 4.53 -6.21
N ALA B 29 8.24 5.74 -6.39
CA ALA B 29 7.48 6.78 -7.12
C ALA B 29 7.20 6.33 -8.56
N LYS B 30 8.24 5.80 -9.23
CA LYS B 30 8.00 5.41 -10.63
C LYS B 30 6.98 4.27 -10.72
N HIS B 31 6.89 3.46 -9.67
CA HIS B 31 5.96 2.33 -9.60
C HIS B 31 4.69 2.71 -8.86
N ARG B 32 4.32 4.00 -8.85
CA ARG B 32 3.13 4.42 -8.13
C ARG B 32 1.84 3.77 -8.62
N ASN B 33 1.78 3.29 -9.84
CA ASN B 33 0.59 2.68 -10.39
C ASN B 33 0.58 1.18 -10.23
N VAL B 34 1.53 0.61 -9.51
CA VAL B 34 1.62 -0.82 -9.28
C VAL B 34 1.22 -1.08 -7.82
N SER B 35 0.31 -1.95 -7.51
CA SER B 35 -0.13 -2.16 -6.13
C SER B 35 0.99 -2.70 -5.29
N CYS B 36 1.01 -2.38 -4.00
CA CYS B 36 2.06 -2.88 -3.10
C CYS B 36 2.23 -4.39 -3.20
N VAL B 37 1.12 -5.14 -3.18
CA VAL B 37 1.15 -6.59 -3.14
C VAL B 37 1.66 -7.19 -4.44
N SER B 38 1.68 -6.43 -5.53
CA SER B 38 2.23 -6.92 -6.79
C SER B 38 3.71 -7.27 -6.64
N CYS B 39 4.41 -6.58 -5.77
CA CYS B 39 5.80 -6.84 -5.46
C CYS B 39 5.96 -7.48 -4.11
N HIS B 40 5.38 -6.85 -3.07
CA HIS B 40 5.39 -7.36 -1.73
C HIS B 40 4.29 -8.42 -1.62
N HIS B 41 4.54 -9.55 -2.27
CA HIS B 41 3.48 -10.51 -2.49
C HIS B 41 3.03 -11.27 -1.25
N MET B 42 3.79 -11.19 -0.18
CA MET B 42 3.41 -11.82 1.09
C MET B 42 2.62 -10.85 2.00
N PHE B 43 2.42 -9.60 1.58
CA PHE B 43 1.67 -8.64 2.35
C PHE B 43 0.19 -8.96 2.13
N ASP B 44 -0.52 -9.10 3.24
CA ASP B 44 -1.94 -9.48 3.11
C ASP B 44 -2.87 -8.38 3.64
N GLY B 45 -2.46 -7.14 3.46
CA GLY B 45 -3.34 -6.03 3.75
C GLY B 45 -2.99 -5.26 5.01
N CYS B 46 -2.22 -5.88 5.90
CA CYS B 46 -1.66 -5.16 7.05
C CYS B 46 -0.47 -5.97 7.54
N GLY B 47 0.26 -5.40 8.46
CA GLY B 47 1.54 -5.92 8.94
C GLY B 47 2.68 -5.04 8.52
N ASP B 48 3.89 -5.57 8.72
CA ASP B 48 5.07 -4.80 8.51
C ASP B 48 5.82 -5.38 7.31
N PHE B 49 6.94 -4.74 6.99
CA PHE B 49 7.67 -5.04 5.82
C PHE B 49 9.09 -5.50 6.10
N GLN B 50 9.50 -6.52 5.37
CA GLN B 50 10.81 -7.14 5.45
C GLN B 50 11.63 -6.83 4.20
N LYS B 51 12.88 -7.19 4.22
CA LYS B 51 13.66 -7.25 2.98
C LYS B 51 13.21 -8.51 2.24
N CYS B 52 13.22 -8.46 0.90
CA CYS B 52 12.89 -9.68 0.17
C CYS B 52 13.80 -10.84 0.56
N ALA B 53 15.08 -10.55 0.79
CA ALA B 53 16.06 -11.54 1.18
C ALA B 53 15.94 -12.01 2.61
N ASP B 54 14.96 -11.51 3.37
CA ASP B 54 14.67 -12.15 4.66
C ASP B 54 14.06 -13.54 4.41
N CYS B 55 13.54 -13.74 3.21
CA CYS B 55 13.04 -15.04 2.78
C CYS B 55 13.83 -15.58 1.58
N HIS B 56 14.13 -14.72 0.62
CA HIS B 56 14.83 -15.11 -0.61
C HIS B 56 16.33 -15.10 -0.33
N ILE B 57 16.78 -16.15 0.39
CA ILE B 57 18.12 -16.19 0.93
C ILE B 57 19.09 -16.92 0.05
N ASP B 58 18.69 -18.06 -0.51
CA ASP B 58 19.66 -18.95 -1.17
C ASP B 58 20.25 -18.30 -2.37
N ARG B 59 21.56 -18.19 -2.42
CA ARG B 59 22.25 -17.56 -3.53
C ARG B 59 22.82 -18.57 -4.52
N ASP B 60 22.90 -19.84 -4.12
CA ASP B 60 23.57 -20.82 -4.97
C ASP B 60 22.67 -21.48 -5.99
N ASP B 61 21.39 -21.59 -5.72
CA ASP B 61 20.50 -22.27 -6.64
C ASP B 61 19.60 -21.22 -7.29
N ARG B 62 20.01 -20.80 -8.49
CA ARG B 62 19.24 -19.77 -9.21
C ARG B 62 17.96 -20.29 -9.87
N SER B 63 17.68 -21.57 -9.73
CA SER B 63 16.41 -22.12 -10.18
C SER B 63 15.38 -22.12 -9.08
N TYR B 64 15.76 -21.96 -7.84
CA TYR B 64 14.86 -22.17 -6.71
C TYR B 64 13.93 -20.97 -6.55
N GLU B 65 12.63 -21.21 -6.58
CA GLU B 65 11.62 -20.16 -6.53
C GLU B 65 11.72 -19.30 -5.27
N ARG B 66 12.17 -19.86 -4.15
CA ARG B 66 12.30 -19.15 -2.88
C ARG B 66 13.72 -18.62 -2.67
N GLY B 67 14.56 -18.69 -3.67
CA GLY B 67 15.91 -18.20 -3.57
C GLY B 67 16.05 -16.74 -3.95
N PHE B 68 17.26 -16.25 -3.78
CA PHE B 68 17.54 -14.83 -4.03
C PHE B 68 17.34 -14.45 -5.49
N TYR B 69 17.93 -15.22 -6.40
CA TYR B 69 17.91 -14.78 -7.80
C TYR B 69 16.52 -14.72 -8.38
N LYS B 70 15.68 -15.74 -8.06
CA LYS B 70 14.36 -15.75 -8.69
C LYS B 70 13.47 -14.62 -8.20
N ALA B 71 13.73 -14.03 -7.02
CA ALA B 71 12.93 -12.88 -6.57
C ALA B 71 12.89 -11.78 -7.61
N TRP B 72 14.03 -11.59 -8.31
CA TRP B 72 14.19 -10.44 -9.20
C TRP B 72 14.09 -10.82 -10.67
N HIS B 73 14.29 -12.11 -10.99
CA HIS B 73 14.44 -12.50 -12.38
C HIS B 73 13.50 -13.60 -12.85
N SER B 74 12.66 -14.19 -12.03
CA SER B 74 11.73 -15.21 -12.49
C SER B 74 10.83 -14.77 -13.61
N GLU B 75 10.32 -15.76 -14.36
CA GLU B 75 9.19 -15.45 -15.25
C GLU B 75 7.93 -15.06 -14.50
N SER B 76 7.82 -15.36 -13.21
CA SER B 76 6.72 -14.81 -12.44
C SER B 76 6.57 -13.31 -12.56
N GLU B 77 5.33 -12.85 -12.68
CA GLU B 77 5.07 -11.42 -12.74
C GLU B 77 5.27 -10.68 -11.40
N ILE B 78 5.63 -11.42 -10.35
CA ILE B 78 6.06 -10.77 -9.11
C ILE B 78 7.45 -10.21 -9.23
N SER B 79 8.29 -10.81 -10.11
CA SER B 79 9.68 -10.42 -10.18
C SER B 79 9.85 -9.19 -11.06
N CYS B 80 10.93 -8.47 -10.84
CA CYS B 80 11.27 -7.26 -11.61
C CYS B 80 11.21 -7.57 -13.09
N ARG B 81 12.01 -8.58 -13.50
CA ARG B 81 12.15 -8.85 -14.91
C ARG B 81 10.89 -9.52 -15.45
N GLY B 82 10.22 -10.32 -14.63
CA GLY B 82 9.04 -11.02 -15.08
C GLY B 82 7.88 -10.10 -15.37
N CYS B 83 7.66 -9.16 -14.47
CA CYS B 83 6.59 -8.19 -14.74
C CYS B 83 6.94 -7.40 -16.01
N HIS B 84 8.19 -6.88 -16.08
CA HIS B 84 8.51 -6.03 -17.23
C HIS B 84 8.40 -6.81 -18.52
N LYS B 85 8.85 -8.07 -18.55
CA LYS B 85 8.66 -8.85 -19.77
C LYS B 85 7.18 -9.04 -20.08
N ALA B 86 6.33 -9.33 -19.08
CA ALA B 86 4.91 -9.54 -19.35
C ALA B 86 4.26 -8.30 -19.90
N MET B 87 4.65 -7.14 -19.38
CA MET B 87 4.06 -5.88 -19.84
C MET B 87 4.52 -5.58 -21.25
N LYS B 88 5.78 -5.90 -21.52
CA LYS B 88 6.30 -5.58 -22.87
C LYS B 88 5.55 -6.40 -23.89
N ALA B 89 5.26 -7.65 -23.47
CA ALA B 89 4.52 -8.51 -24.38
C ALA B 89 3.12 -7.96 -24.62
N LYS B 90 2.60 -7.12 -23.73
CA LYS B 90 1.34 -6.43 -23.91
C LYS B 90 1.49 -5.02 -24.50
N ASN B 91 2.69 -4.69 -24.94
CA ASN B 91 2.96 -3.36 -25.48
C ASN B 91 2.60 -2.26 -24.50
N GLU B 92 2.82 -2.52 -23.20
CA GLU B 92 2.51 -1.58 -22.12
C GLU B 92 3.82 -0.96 -21.64
N GLN B 93 3.85 0.33 -21.38
CA GLN B 93 5.02 0.99 -20.86
C GLN B 93 5.47 0.36 -19.54
N THR B 94 6.76 0.02 -19.51
CA THR B 94 7.25 -0.73 -18.39
C THR B 94 8.74 -0.54 -18.20
N GLY B 95 9.36 -1.33 -17.34
CA GLY B 95 10.75 -1.19 -17.02
C GLY B 95 11.68 -2.07 -17.85
N PRO B 96 12.97 -2.02 -17.52
CA PRO B 96 13.95 -2.71 -18.36
C PRO B 96 13.98 -4.22 -18.19
N ILE B 97 14.53 -4.85 -19.21
CA ILE B 97 14.67 -6.31 -19.30
C ILE B 97 16.08 -6.78 -19.59
N GLY B 98 16.87 -6.03 -20.33
CA GLY B 98 18.21 -6.53 -20.69
C GLY B 98 19.11 -6.60 -19.50
N CYS B 99 19.99 -7.62 -19.47
CA CYS B 99 20.76 -7.83 -18.25
C CYS B 99 21.60 -6.63 -17.80
N LEU B 100 22.14 -5.85 -18.71
CA LEU B 100 22.94 -4.68 -18.30
C LEU B 100 22.29 -3.37 -18.70
N GLN B 101 20.95 -3.46 -18.86
CA GLN B 101 20.15 -2.27 -19.14
C GLN B 101 19.37 -1.82 -17.90
N GLY B 102 19.61 -0.60 -17.44
CA GLY B 102 18.74 -0.03 -16.38
C GLY B 102 19.15 -0.56 -15.01
N CYS B 103 18.68 -1.76 -14.67
CA CYS B 103 18.86 -2.22 -13.30
C CYS B 103 20.34 -2.37 -12.93
N HIS B 104 21.08 -3.05 -13.80
CA HIS B 104 22.50 -3.29 -13.61
C HIS B 104 23.32 -2.35 -14.48
N GLU B 105 23.01 -1.10 -14.48
CA GLU B 105 23.72 -0.06 -15.18
C GLU B 105 23.92 1.17 -14.33
N ALA B 106 25.06 1.83 -14.44
CA ALA B 106 25.31 3.16 -13.86
C ALA B 106 25.67 3.13 -12.39
#